data_8TWN
#
_entry.id   8TWN
#
_cell.length_a   101.554
_cell.length_b   101.554
_cell.length_c   129.094
_cell.angle_alpha   90.000
_cell.angle_beta   90.000
_cell.angle_gamma   120.000
#
_symmetry.space_group_name_H-M   'P 65 2 2'
#
loop_
_entity.id
_entity.type
_entity.pdbx_description
1 polymer AetD
2 non-polymer '(2S)-2-azanyl-3-[5,7-bis(bromanyl)-1H-indol-3-yl]propanoic acid'
3 non-polymer D-MALATE
4 water water
#
_entity_poly.entity_id   1
_entity_poly.type   'polypeptide(L)'
_entity_poly.pdbx_seq_one_letter_code
;(MSE)GSSHHHHHHSSGLVPRGSH(MSE)(MSE)KAILQLILEKRQEFEKLPCFEFVRDETISPEERLILYPCIAAFALN
FRDLNRYDYRDDNSSDYYQKIINIHTQEDAKHWEWFLNDLELLGFDKT(MSE)RFSEALRFVWSDDLLHTRRLCHNIAVL
SHDLEPV(MSE)K(MSE)VVIEA(MSE)ETAGLVIFHALAKPGESIAKATRRKYLYVADSHVEVETGHAVGTENIITILE
QTQLSSEQEEKAKEIVNKVFQWSTNLIGEFERYVKAHRSEKAQPTAAY
;
_entity_poly.pdbx_strand_id   A
#
loop_
_chem_comp.id
_chem_comp.type
_chem_comp.name
_chem_comp.formula
67I non-polymer '(2S)-2-azanyl-3-[5,7-bis(bromanyl)-1H-indol-3-yl]propanoic acid' 'C11 H10 Br2 N2 O2'
MLT non-polymer D-MALATE 'C4 H6 O5'
#
# COMPACT_ATOMS: atom_id res chain seq x y z
N VAL A 15 25.93 16.09 10.56
CA VAL A 15 27.06 16.18 11.49
C VAL A 15 26.80 15.42 12.80
N PRO A 16 25.67 15.67 13.49
CA PRO A 16 25.44 14.96 14.75
C PRO A 16 25.20 13.47 14.55
N ARG A 17 25.66 12.68 15.53
CA ARG A 17 25.54 11.24 15.45
C ARG A 17 24.08 10.79 15.33
N GLY A 18 23.16 11.54 15.94
CA GLY A 18 21.76 11.18 15.85
C GLY A 18 21.20 11.36 14.44
N SER A 19 21.76 12.28 13.68
CA SER A 19 21.30 12.52 12.32
C SER A 19 21.89 11.51 11.34
N HIS A 20 23.11 11.03 11.60
CA HIS A 20 23.70 9.97 10.80
C HIS A 20 22.91 8.66 10.94
N MSE A 21 22.40 8.39 12.13
CA MSE A 21 21.65 7.15 12.35
C MSE A 21 20.31 7.17 11.63
O MSE A 21 19.88 6.17 11.07
CB MSE A 21 21.46 6.89 13.84
CG MSE A 21 22.78 6.59 14.54
SE MSE A 21 22.60 6.05 16.40
CE MSE A 21 24.47 5.56 16.74
N MSE A 22 19.65 8.33 11.63
CA MSE A 22 18.42 8.51 10.86
C MSE A 22 18.68 8.28 9.38
O MSE A 22 17.92 7.57 8.71
CB MSE A 22 17.83 9.90 11.09
CG MSE A 22 16.60 10.18 10.23
SE MSE A 22 15.09 8.92 10.57
CE MSE A 22 14.18 9.91 11.99
N LYS A 23 19.74 8.91 8.86
CA LYS A 23 20.07 8.76 7.44
C LYS A 23 20.35 7.31 7.08
N ALA A 24 20.97 6.56 8.00
CA ALA A 24 21.19 5.13 7.75
C ALA A 24 19.86 4.40 7.59
N ILE A 25 18.85 4.75 8.39
CA ILE A 25 17.55 4.10 8.29
C ILE A 25 16.87 4.47 6.98
N LEU A 26 16.94 5.75 6.60
CA LEU A 26 16.33 6.19 5.35
C LEU A 26 17.02 5.57 4.14
N GLN A 27 18.33 5.33 4.23
CA GLN A 27 19.05 4.63 3.18
C GLN A 27 18.67 3.16 3.13
N LEU A 28 18.41 2.55 4.29
CA LEU A 28 17.95 1.18 4.32
C LEU A 28 16.61 1.02 3.63
N ILE A 29 15.71 2.01 3.79
CA ILE A 29 14.43 1.98 3.11
C ILE A 29 14.62 2.00 1.61
N LEU A 30 15.59 2.77 1.12
CA LEU A 30 15.86 2.81 -0.32
C LEU A 30 16.38 1.47 -0.82
N GLU A 31 17.24 0.80 -0.04
CA GLU A 31 17.75 -0.49 -0.46
C GLU A 31 16.66 -1.54 -0.54
N LYS A 32 15.72 -1.52 0.41
CA LYS A 32 14.60 -2.43 0.35
C LYS A 32 13.70 -2.11 -0.85
N ARG A 33 13.47 -0.82 -1.10
CA ARG A 33 12.69 -0.40 -2.27
C ARG A 33 13.31 -0.92 -3.57
N GLN A 34 14.63 -0.83 -3.69
CA GLN A 34 15.30 -1.32 -4.89
C GLN A 34 15.13 -2.82 -5.06
N GLU A 35 15.22 -3.57 -3.95
CA GLU A 35 14.96 -5.00 -4.03
C GLU A 35 13.49 -5.29 -4.28
N PHE A 36 12.61 -4.48 -3.72
CA PHE A 36 11.17 -4.72 -3.85
C PHE A 36 10.70 -4.54 -5.28
N GLU A 37 11.29 -3.59 -6.01
CA GLU A 37 10.89 -3.30 -7.39
C GLU A 37 11.21 -4.44 -8.35
N LYS A 38 12.08 -5.37 -7.97
CA LYS A 38 12.53 -6.43 -8.85
C LYS A 38 11.67 -7.69 -8.76
N LEU A 39 10.61 -7.67 -7.93
CA LEU A 39 9.74 -8.84 -7.82
C LEU A 39 9.05 -9.11 -9.15
N PRO A 40 8.90 -10.39 -9.54
CA PRO A 40 8.33 -10.70 -10.86
C PRO A 40 6.92 -10.20 -11.07
N CYS A 41 6.16 -9.96 -10.00
CA CYS A 41 4.78 -9.48 -10.17
C CYS A 41 4.74 -8.13 -10.87
N PHE A 42 5.75 -7.28 -10.62
CA PHE A 42 5.74 -5.96 -11.22
C PHE A 42 6.13 -6.00 -12.69
N GLU A 43 6.98 -6.95 -13.07
CA GLU A 43 7.26 -7.12 -14.50
C GLU A 43 6.00 -7.56 -15.26
N PHE A 44 5.20 -8.44 -14.67
CA PHE A 44 3.95 -8.81 -15.31
C PHE A 44 3.01 -7.62 -15.43
N VAL A 45 2.83 -6.87 -14.34
CA VAL A 45 1.90 -5.73 -14.36
C VAL A 45 2.33 -4.65 -15.34
N ARG A 46 3.63 -4.51 -15.58
CA ARG A 46 4.16 -3.51 -16.50
C ARG A 46 4.30 -4.01 -17.93
N ASP A 47 3.98 -5.28 -18.20
CA ASP A 47 4.21 -5.87 -19.51
C ASP A 47 3.17 -5.35 -20.49
N GLU A 48 3.57 -4.38 -21.32
CA GLU A 48 2.65 -3.77 -22.27
C GLU A 48 2.15 -4.74 -23.32
N THR A 49 2.80 -5.90 -23.49
CA THR A 49 2.34 -6.81 -24.53
C THR A 49 1.13 -7.64 -24.10
N ILE A 50 0.82 -7.66 -22.81
CA ILE A 50 -0.39 -8.29 -22.29
C ILE A 50 -1.44 -7.21 -22.07
N SER A 51 -2.69 -7.49 -22.42
CA SER A 51 -3.71 -6.45 -22.35
C SER A 51 -3.83 -5.95 -20.91
N PRO A 52 -4.12 -4.66 -20.71
CA PRO A 52 -4.20 -4.15 -19.33
C PRO A 52 -5.33 -4.78 -18.52
N GLU A 53 -6.42 -5.22 -19.17
CA GLU A 53 -7.47 -5.91 -18.45
C GLU A 53 -6.98 -7.22 -17.85
N GLU A 54 -6.12 -7.94 -18.59
CA GLU A 54 -5.59 -9.18 -18.07
C GLU A 54 -4.65 -8.94 -16.89
N ARG A 55 -3.85 -7.86 -16.96
CA ARG A 55 -2.85 -7.62 -15.93
C ARG A 55 -3.51 -7.15 -14.63
N LEU A 56 -4.70 -6.56 -14.71
CA LEU A 56 -5.41 -6.08 -13.53
C LEU A 56 -6.35 -7.13 -12.93
N ILE A 57 -6.19 -8.40 -13.29
CA ILE A 57 -7.01 -9.47 -12.71
C ILE A 57 -6.81 -9.57 -11.19
N LEU A 58 -5.66 -9.11 -10.68
CA LEU A 58 -5.40 -9.15 -9.24
C LEU A 58 -6.07 -8.00 -8.48
N TYR A 59 -6.78 -7.11 -9.17
CA TYR A 59 -7.33 -5.95 -8.48
C TYR A 59 -8.25 -6.31 -7.31
N PRO A 60 -9.16 -7.30 -7.39
CA PRO A 60 -10.05 -7.56 -6.25
C PRO A 60 -9.32 -8.08 -5.02
N CYS A 61 -8.09 -8.58 -5.17
CA CYS A 61 -7.30 -8.97 -4.01
C CYS A 61 -7.12 -7.82 -3.05
N ILE A 62 -7.06 -6.59 -3.59
CA ILE A 62 -6.83 -5.42 -2.76
C ILE A 62 -8.00 -5.17 -1.81
N ALA A 63 -9.17 -5.76 -2.09
CA ALA A 63 -10.31 -5.66 -1.19
C ALA A 63 -9.97 -6.13 0.22
N ALA A 64 -9.10 -7.14 0.34
CA ALA A 64 -8.72 -7.60 1.67
C ALA A 64 -7.79 -6.62 2.38
N PHE A 65 -7.33 -5.58 1.68
CA PHE A 65 -6.39 -4.62 2.22
C PHE A 65 -6.96 -3.22 2.39
N ALA A 66 -7.66 -2.69 1.37
CA ALA A 66 -7.84 -1.24 1.26
C ALA A 66 -8.70 -0.67 2.40
N LEU A 67 -9.75 -1.38 2.81
CA LEU A 67 -10.58 -0.84 3.87
C LEU A 67 -9.94 -1.05 5.23
N ASN A 68 -9.13 -2.10 5.38
CA ASN A 68 -8.31 -2.22 6.58
C ASN A 68 -7.28 -1.11 6.65
N PHE A 69 -6.73 -0.69 5.52
CA PHE A 69 -5.81 0.44 5.54
C PHE A 69 -6.50 1.73 5.94
N ARG A 70 -7.77 1.91 5.56
CA ARG A 70 -8.53 3.04 6.05
C ARG A 70 -8.62 3.01 7.57
N ASP A 71 -8.95 1.83 8.14
CA ASP A 71 -9.06 1.69 9.60
C ASP A 71 -7.72 1.84 10.30
N LEU A 72 -6.64 1.37 9.69
CA LEU A 72 -5.32 1.56 10.29
C LEU A 72 -5.03 3.04 10.49
N ASN A 73 -5.42 3.87 9.51
CA ASN A 73 -5.19 5.32 9.56
C ASN A 73 -6.17 6.03 10.49
N ARG A 74 -7.44 5.66 10.45
CA ARG A 74 -8.43 6.32 11.30
C ARG A 74 -8.18 6.02 12.77
N TYR A 75 -7.87 4.77 13.10
CA TYR A 75 -7.97 4.30 14.47
C TYR A 75 -6.67 3.80 15.08
N ASP A 76 -5.66 3.44 14.30
CA ASP A 76 -4.43 2.93 14.89
C ASP A 76 -3.33 3.99 14.86
N TYR A 77 -3.07 4.57 13.69
CA TYR A 77 -2.03 5.61 13.57
C TYR A 77 -2.46 6.89 14.26
N ARG A 78 -3.70 7.31 14.02
CA ARG A 78 -4.19 8.61 14.48
C ARG A 78 -4.39 8.63 15.99
N ASP A 79 -4.10 9.78 16.61
CA ASP A 79 -4.39 10.04 18.03
C ASP A 79 -4.74 11.53 18.14
N ASP A 80 -6.05 11.83 18.05
CA ASP A 80 -6.51 13.21 18.09
C ASP A 80 -6.31 13.86 19.46
N ASN A 81 -6.16 13.07 20.52
CA ASN A 81 -5.96 13.59 21.87
C ASN A 81 -4.48 13.59 22.23
N SER A 82 -3.67 14.23 21.37
CA SER A 82 -2.23 14.26 21.56
C SER A 82 -1.70 15.66 21.32
N SER A 83 -0.76 16.07 22.17
CA SER A 83 -0.09 17.35 22.05
C SER A 83 1.31 17.21 21.48
N ASP A 84 1.73 16.00 21.12
CA ASP A 84 3.08 15.81 20.65
C ASP A 84 3.22 16.33 19.21
N TYR A 85 4.36 16.96 18.93
CA TYR A 85 4.60 17.57 17.63
C TYR A 85 4.61 16.54 16.51
N TYR A 86 5.26 15.41 16.72
CA TYR A 86 5.35 14.39 15.67
C TYR A 86 4.02 13.69 15.47
N GLN A 87 3.32 13.40 16.56
CA GLN A 87 2.02 12.73 16.44
C GLN A 87 1.01 13.61 15.70
N LYS A 88 1.11 14.94 15.86
CA LYS A 88 0.22 15.83 15.10
C LYS A 88 0.56 15.83 13.62
N ILE A 89 1.83 15.66 13.28
CA ILE A 89 2.20 15.48 11.87
C ILE A 89 1.63 14.16 11.36
N ILE A 90 1.72 13.11 12.17
CA ILE A 90 1.15 11.82 11.78
C ILE A 90 -0.34 11.94 11.55
N ASN A 91 -1.05 12.62 12.47
CA ASN A 91 -2.50 12.78 12.32
C ASN A 91 -2.86 13.45 11.00
N ILE A 92 -2.11 14.49 10.62
CA ILE A 92 -2.37 15.17 9.33
C ILE A 92 -2.19 14.18 8.18
N HIS A 93 -1.15 13.35 8.23
CA HIS A 93 -0.95 12.33 7.21
C HIS A 93 -2.12 11.36 7.15
N THR A 94 -2.62 10.91 8.30
CA THR A 94 -3.72 9.94 8.29
C THR A 94 -4.99 10.51 7.66
N GLN A 95 -5.22 11.82 7.76
CA GLN A 95 -6.42 12.39 7.16
CA GLN A 95 -6.42 12.38 7.16
C GLN A 95 -6.40 12.23 5.65
N GLU A 96 -5.22 12.27 5.04
CA GLU A 96 -5.14 12.03 3.60
C GLU A 96 -5.36 10.56 3.28
N ASP A 97 -4.59 9.66 3.90
CA ASP A 97 -4.63 8.25 3.55
C ASP A 97 -5.96 7.59 3.87
N ALA A 98 -6.70 8.12 4.87
CA ALA A 98 -8.00 7.56 5.20
C ALA A 98 -9.06 7.81 4.13
N LYS A 99 -8.75 8.61 3.11
CA LYS A 99 -9.72 8.89 2.05
C LYS A 99 -9.66 7.88 0.91
N HIS A 100 -8.56 7.11 0.82
CA HIS A 100 -8.26 6.36 -0.40
C HIS A 100 -9.13 5.13 -0.60
N TRP A 101 -9.78 4.62 0.45
CA TRP A 101 -10.63 3.44 0.27
C TRP A 101 -11.77 3.71 -0.70
N GLU A 102 -12.26 4.96 -0.75
CA GLU A 102 -13.31 5.29 -1.72
C GLU A 102 -12.76 5.32 -3.14
N TRP A 103 -11.47 5.61 -3.32
CA TRP A 103 -10.86 5.47 -4.63
C TRP A 103 -10.81 4.01 -5.05
N PHE A 104 -10.41 3.12 -4.13
CA PHE A 104 -10.40 1.70 -4.42
C PHE A 104 -11.77 1.22 -4.89
N LEU A 105 -12.84 1.61 -4.19
CA LEU A 105 -14.18 1.16 -4.58
C LEU A 105 -14.63 1.80 -5.89
N ASN A 106 -14.27 3.06 -6.13
CA ASN A 106 -14.51 3.67 -7.43
C ASN A 106 -13.95 2.80 -8.55
N ASP A 107 -12.66 2.49 -8.48
CA ASP A 107 -12.03 1.72 -9.56
C ASP A 107 -12.51 0.27 -9.60
N LEU A 108 -12.90 -0.29 -8.46
CA LEU A 108 -13.45 -1.65 -8.47
C LEU A 108 -14.66 -1.74 -9.37
N GLU A 109 -15.53 -0.73 -9.31
CA GLU A 109 -16.70 -0.72 -10.18
C GLU A 109 -16.32 -0.46 -11.62
N LEU A 110 -15.45 0.52 -11.87
CA LEU A 110 -15.03 0.85 -13.25
C LEU A 110 -14.45 -0.38 -13.95
N LEU A 111 -13.70 -1.21 -13.22
CA LEU A 111 -13.07 -2.39 -13.79
C LEU A 111 -14.02 -3.57 -13.99
N GLY A 112 -15.28 -3.46 -13.60
CA GLY A 112 -16.21 -4.57 -13.76
C GLY A 112 -16.08 -5.66 -12.71
N PHE A 113 -15.38 -5.39 -11.60
CA PHE A 113 -15.19 -6.38 -10.55
C PHE A 113 -16.21 -6.27 -9.43
N ASP A 114 -17.05 -5.24 -9.43
CA ASP A 114 -18.07 -5.08 -8.40
C ASP A 114 -19.30 -5.92 -8.76
N LYS A 115 -19.08 -7.24 -8.74
CA LYS A 115 -20.07 -8.17 -9.25
C LYS A 115 -21.10 -8.49 -8.17
N THR A 116 -22.28 -8.89 -8.60
CA THR A 116 -23.32 -9.31 -7.67
C THR A 116 -23.01 -10.71 -7.19
N MSE A 117 -23.19 -10.95 -5.90
CA MSE A 117 -22.83 -12.25 -5.32
C MSE A 117 -23.51 -12.42 -3.96
O MSE A 117 -24.11 -11.50 -3.44
CB MSE A 117 -21.32 -12.37 -5.17
CG MSE A 117 -20.67 -11.34 -4.26
SE MSE A 117 -18.71 -11.47 -4.26
CE MSE A 117 -18.32 -11.06 -6.15
N ARG A 118 -23.43 -13.62 -3.40
CA ARG A 118 -23.98 -13.82 -2.07
C ARG A 118 -23.04 -13.23 -1.02
N PHE A 119 -23.63 -12.63 0.01
CA PHE A 119 -22.87 -12.12 1.15
C PHE A 119 -21.72 -13.07 1.55
N SER A 120 -22.02 -14.37 1.65
CA SER A 120 -21.02 -15.33 2.13
C SER A 120 -19.89 -15.53 1.12
N GLU A 121 -20.16 -15.34 -0.18
CA GLU A 121 -19.10 -15.44 -1.17
C GLU A 121 -18.12 -14.27 -1.06
N ALA A 122 -18.65 -13.05 -0.85
CA ALA A 122 -17.77 -11.91 -0.55
C ALA A 122 -16.94 -12.17 0.71
N LEU A 123 -17.55 -12.73 1.76
CA LEU A 123 -16.80 -12.98 2.99
C LEU A 123 -15.75 -14.08 2.79
N ARG A 124 -16.11 -15.16 2.11
CA ARG A 124 -15.13 -16.23 1.87
C ARG A 124 -14.01 -15.77 0.96
N PHE A 125 -14.27 -14.81 0.07
CA PHE A 125 -13.20 -14.23 -0.74
C PHE A 125 -12.23 -13.40 0.11
N VAL A 126 -12.76 -12.47 0.91
CA VAL A 126 -11.87 -11.60 1.68
C VAL A 126 -11.05 -12.40 2.68
N TRP A 127 -11.67 -13.38 3.34
CA TRP A 127 -11.00 -14.19 4.34
C TRP A 127 -10.38 -15.47 3.76
N SER A 128 -10.26 -15.54 2.44
CA SER A 128 -9.65 -16.69 1.77
C SER A 128 -8.23 -16.91 2.25
N ASP A 129 -7.84 -18.19 2.36
CA ASP A 129 -6.46 -18.51 2.72
C ASP A 129 -5.48 -18.04 1.67
N ASP A 130 -5.94 -17.79 0.44
CA ASP A 130 -5.06 -17.26 -0.60
C ASP A 130 -4.80 -15.77 -0.46
N LEU A 131 -5.48 -15.09 0.46
CA LEU A 131 -5.28 -13.66 0.70
C LEU A 131 -4.82 -13.40 2.13
N LEU A 132 -4.26 -14.42 2.78
CA LEU A 132 -3.91 -14.32 4.18
C LEU A 132 -2.94 -13.17 4.44
N HIS A 133 -1.86 -13.10 3.67
CA HIS A 133 -0.89 -12.04 3.90
C HIS A 133 -1.44 -10.68 3.49
N THR A 134 -2.24 -10.63 2.43
CA THR A 134 -2.88 -9.37 2.04
C THR A 134 -3.80 -8.86 3.14
N ARG A 135 -4.59 -9.75 3.73
CA ARG A 135 -5.57 -9.36 4.72
C ARG A 135 -4.93 -8.97 6.05
N ARG A 136 -3.81 -9.58 6.40
CA ARG A 136 -3.16 -9.38 7.67
C ARG A 136 -2.08 -8.30 7.66
N LEU A 137 -1.81 -7.67 6.51
CA LEU A 137 -0.74 -6.68 6.47
C LEU A 137 -1.01 -5.52 7.42
N CYS A 138 -2.20 -4.91 7.32
CA CYS A 138 -2.52 -3.76 8.17
C CYS A 138 -2.65 -4.17 9.62
N HIS A 139 -3.14 -5.39 9.86
CA HIS A 139 -3.18 -5.95 11.20
C HIS A 139 -1.79 -6.04 11.80
N ASN A 140 -0.83 -6.62 11.07
CA ASN A 140 0.54 -6.72 11.57
C ASN A 140 1.15 -5.35 11.80
N ILE A 141 0.87 -4.39 10.92
CA ILE A 141 1.39 -3.05 11.08
C ILE A 141 0.87 -2.43 12.37
N ALA A 142 -0.44 -2.56 12.63
CA ALA A 142 -1.01 -1.98 13.84
C ALA A 142 -0.41 -2.61 15.08
N VAL A 143 -0.28 -3.94 15.10
CA VAL A 143 0.33 -4.64 16.24
C VAL A 143 1.76 -4.15 16.46
N LEU A 144 2.53 -4.01 15.37
CA LEU A 144 3.89 -3.50 15.48
C LEU A 144 3.93 -2.06 15.97
N SER A 145 2.97 -1.22 15.56
CA SER A 145 3.00 0.21 15.82
C SER A 145 2.41 0.60 17.18
N HIS A 146 1.58 -0.26 17.77
CA HIS A 146 0.77 0.12 18.92
C HIS A 146 1.59 0.84 20.00
N ASP A 147 2.63 0.19 20.50
CA ASP A 147 3.43 0.78 21.59
C ASP A 147 4.65 1.54 21.09
N LEU A 148 4.62 2.07 19.86
CA LEU A 148 5.72 2.83 19.30
C LEU A 148 5.57 4.31 19.61
N GLU A 149 6.69 4.96 19.96
CA GLU A 149 6.70 6.41 20.08
C GLU A 149 6.55 7.03 18.69
N PRO A 150 6.05 8.27 18.61
CA PRO A 150 5.68 8.82 17.29
C PRO A 150 6.80 8.82 16.26
N VAL A 151 8.05 9.01 16.66
CA VAL A 151 9.12 9.02 15.68
C VAL A 151 9.27 7.66 15.02
N MSE A 152 9.08 6.59 15.79
CA MSE A 152 9.13 5.24 15.24
C MSE A 152 7.90 4.93 14.40
O MSE A 152 7.99 4.22 13.40
CB MSE A 152 9.27 4.21 16.34
CG MSE A 152 10.64 4.23 17.05
SE MSE A 152 12.12 3.56 15.95
CE MSE A 152 12.65 5.23 15.10
N LYS A 153 6.74 5.44 14.81
CA LYS A 153 5.55 5.30 13.97
C LYS A 153 5.79 5.92 12.59
N MSE A 154 6.52 7.02 12.54
CA MSE A 154 6.81 7.67 11.26
C MSE A 154 7.68 6.78 10.37
O MSE A 154 7.48 6.73 9.17
CB MSE A 154 7.49 9.01 11.48
CG MSE A 154 6.55 10.13 11.92
SE MSE A 154 7.43 11.88 11.91
CE MSE A 154 7.66 12.09 10.00
N VAL A 155 8.64 6.09 10.99
CA VAL A 155 9.44 5.12 10.24
C VAL A 155 8.54 4.04 9.65
N VAL A 156 7.56 3.56 10.43
CA VAL A 156 6.61 2.59 9.91
C VAL A 156 5.90 3.15 8.69
N ILE A 157 5.39 4.37 8.82
CA ILE A 157 4.58 4.98 7.76
C ILE A 157 5.43 5.24 6.52
N GLU A 158 6.68 5.67 6.71
CA GLU A 158 7.55 5.94 5.56
C GLU A 158 7.88 4.65 4.82
N ALA A 159 8.22 3.59 5.57
CA ALA A 159 8.47 2.29 4.93
C ALA A 159 7.25 1.81 4.17
N MSE A 160 6.09 1.92 4.78
CA MSE A 160 4.82 1.55 4.16
C MSE A 160 4.47 2.35 2.91
O MSE A 160 4.03 1.80 1.90
CB MSE A 160 3.70 1.70 5.19
CG MSE A 160 2.35 1.24 4.73
SE MSE A 160 1.97 -0.58 5.29
CE MSE A 160 3.17 -1.55 4.15
N GLU A 161 4.68 3.68 2.98
CA GLU A 161 4.45 4.54 1.83
C GLU A 161 5.42 4.23 0.70
N THR A 162 6.67 3.88 1.02
CA THR A 162 7.62 3.52 -0.03
C THR A 162 7.23 2.23 -0.71
N ALA A 163 6.87 1.20 0.05
CA ALA A 163 6.39 -0.03 -0.57
C ALA A 163 5.17 0.25 -1.44
N GLY A 164 4.21 1.04 -0.91
CA GLY A 164 2.98 1.30 -1.64
C GLY A 164 3.22 2.04 -2.94
N LEU A 165 4.18 2.96 -2.97
CA LEU A 165 4.46 3.69 -4.20
C LEU A 165 5.03 2.77 -5.28
N VAL A 166 5.82 1.77 -4.87
CA VAL A 166 6.32 0.77 -5.82
C VAL A 166 5.16 0.01 -6.45
N ILE A 167 4.18 -0.35 -5.63
CA ILE A 167 3.05 -1.10 -6.15
C ILE A 167 2.23 -0.24 -7.10
N PHE A 168 1.95 1.01 -6.73
CA PHE A 168 1.03 1.76 -7.54
C PHE A 168 1.67 2.46 -8.72
N HIS A 169 2.98 2.69 -8.71
CA HIS A 169 3.65 3.03 -9.96
C HIS A 169 3.45 1.93 -10.99
N ALA A 170 3.56 0.67 -10.56
CA ALA A 170 3.33 -0.44 -11.48
C ALA A 170 1.88 -0.52 -11.90
N LEU A 171 0.95 -0.54 -10.94
CA LEU A 171 -0.47 -0.70 -11.27
C LEU A 171 -1.03 0.48 -12.06
N ALA A 172 -0.45 1.66 -11.91
CA ALA A 172 -0.92 2.80 -12.68
C ALA A 172 -0.67 2.64 -14.18
N LYS A 173 0.26 1.75 -14.60
CA LYS A 173 0.47 1.55 -16.03
C LYS A 173 -0.74 0.90 -16.68
N PRO A 174 -1.15 -0.33 -16.32
CA PRO A 174 -2.40 -0.85 -16.91
C PRO A 174 -3.60 -0.02 -16.52
N GLY A 175 -3.57 0.63 -15.34
CA GLY A 175 -4.68 1.47 -14.96
C GLY A 175 -4.89 2.64 -15.91
N GLU A 176 -3.83 3.40 -16.20
CA GLU A 176 -3.98 4.55 -17.08
C GLU A 176 -4.24 4.12 -18.52
N SER A 177 -3.77 2.93 -18.92
CA SER A 177 -4.12 2.40 -20.24
C SER A 177 -5.62 2.21 -20.37
N ILE A 178 -6.28 1.68 -19.33
CA ILE A 178 -7.72 1.44 -19.42
C ILE A 178 -8.48 2.75 -19.30
N ALA A 179 -8.00 3.67 -18.46
CA ALA A 179 -8.61 4.98 -18.36
C ALA A 179 -8.61 5.70 -19.70
N LYS A 180 -7.50 5.60 -20.45
CA LYS A 180 -7.46 6.20 -21.77
C LYS A 180 -8.33 5.44 -22.77
N ALA A 181 -8.22 4.10 -22.81
CA ALA A 181 -8.98 3.34 -23.78
C ALA A 181 -10.48 3.40 -23.53
N THR A 182 -10.93 3.69 -22.31
CA THR A 182 -12.36 3.79 -22.02
C THR A 182 -12.84 5.22 -21.78
N ARG A 183 -11.93 6.18 -21.64
CA ARG A 183 -12.28 7.58 -21.33
C ARG A 183 -13.04 7.68 -20.00
N ARG A 184 -12.61 6.92 -19.00
CA ARG A 184 -13.20 7.00 -17.69
C ARG A 184 -12.13 7.35 -16.67
N LYS A 185 -12.54 8.05 -15.62
CA LYS A 185 -11.62 8.64 -14.66
C LYS A 185 -11.33 7.63 -13.55
N TYR A 186 -10.12 7.08 -13.57
CA TYR A 186 -9.67 6.19 -12.51
C TYR A 186 -9.01 6.99 -11.41
N LEU A 187 -9.19 6.53 -10.18
CA LEU A 187 -8.69 7.25 -9.00
C LEU A 187 -7.68 6.47 -8.18
N TYR A 188 -7.65 5.14 -8.28
CA TYR A 188 -6.81 4.32 -7.42
C TYR A 188 -5.61 3.74 -8.18
N VAL A 189 -5.87 3.06 -9.29
CA VAL A 189 -4.78 2.61 -10.16
C VAL A 189 -4.56 3.69 -11.19
N ALA A 190 -4.12 4.86 -10.71
CA ALA A 190 -4.07 6.05 -11.53
C ALA A 190 -2.94 6.94 -11.03
N ASP A 191 -2.40 7.74 -11.95
CA ASP A 191 -1.31 8.65 -11.60
C ASP A 191 -1.71 9.61 -10.48
N SER A 192 -2.95 10.08 -10.49
CA SER A 192 -3.41 10.99 -9.43
C SER A 192 -3.22 10.39 -8.03
N HIS A 193 -3.32 9.06 -7.90
CA HIS A 193 -3.08 8.43 -6.61
C HIS A 193 -1.58 8.39 -6.30
N VAL A 194 -0.78 8.06 -7.31
CA VAL A 194 0.68 8.02 -7.17
C VAL A 194 1.23 9.39 -6.82
N GLU A 195 0.66 10.46 -7.40
CA GLU A 195 1.16 11.81 -7.26
C GLU A 195 0.59 12.55 -6.06
N VAL A 196 -0.02 11.84 -5.11
CA VAL A 196 -0.61 12.48 -3.93
C VAL A 196 0.49 12.94 -2.97
N GLU A 205 4.60 19.75 4.78
CA GLU A 205 5.51 19.00 5.64
C GLU A 205 5.24 17.49 5.56
N ASN A 206 5.74 16.85 4.49
CA ASN A 206 5.54 15.42 4.31
C ASN A 206 6.32 14.63 5.37
N ILE A 207 5.98 13.34 5.50
CA ILE A 207 6.66 12.49 6.46
C ILE A 207 8.16 12.48 6.20
N ILE A 208 8.56 12.28 4.94
CA ILE A 208 9.98 12.15 4.63
C ILE A 208 10.72 13.45 4.94
N THR A 209 10.05 14.59 4.80
CA THR A 209 10.68 15.87 5.09
C THR A 209 10.96 16.03 6.57
N ILE A 210 10.03 15.58 7.43
CA ILE A 210 10.26 15.66 8.87
C ILE A 210 11.31 14.67 9.30
N LEU A 211 11.28 13.45 8.76
CA LEU A 211 12.27 12.44 9.14
C LEU A 211 13.69 12.92 8.84
N GLU A 212 13.90 13.56 7.69
CA GLU A 212 15.25 13.99 7.32
C GLU A 212 15.80 15.05 8.27
N GLN A 213 14.93 15.78 8.97
CA GLN A 213 15.37 16.76 9.96
C GLN A 213 15.45 16.20 11.38
N THR A 214 15.08 14.93 11.59
CA THR A 214 14.96 14.35 12.91
C THR A 214 16.13 13.40 13.17
N GLN A 215 16.47 13.23 14.43
CA GLN A 215 17.55 12.36 14.87
C GLN A 215 17.00 11.14 15.61
N LEU A 216 17.78 10.07 15.62
CA LEU A 216 17.45 8.85 16.32
C LEU A 216 18.51 8.54 17.36
N SER A 217 18.07 7.94 18.46
CA SER A 217 19.01 7.39 19.42
C SER A 217 19.55 6.06 18.91
N SER A 218 20.56 5.54 19.62
CA SER A 218 21.15 4.25 19.27
C SER A 218 20.12 3.13 19.35
N GLU A 219 19.29 3.13 20.39
CA GLU A 219 18.28 2.09 20.54
C GLU A 219 17.21 2.21 19.46
N GLN A 220 16.88 3.44 19.07
CA GLN A 220 15.88 3.66 18.04
C GLN A 220 16.37 3.21 16.67
N GLU A 221 17.68 3.32 16.39
CA GLU A 221 18.22 2.84 15.12
C GLU A 221 18.09 1.32 15.02
N GLU A 222 18.37 0.60 16.11
CA GLU A 222 18.19 -0.85 16.08
C GLU A 222 16.73 -1.22 15.89
N LYS A 223 15.83 -0.53 16.59
CA LYS A 223 14.41 -0.81 16.42
C LYS A 223 13.94 -0.44 15.02
N ALA A 224 14.45 0.66 14.47
CA ALA A 224 14.00 1.08 13.15
C ALA A 224 14.40 0.07 12.08
N LYS A 225 15.58 -0.55 12.22
CA LYS A 225 15.99 -1.60 11.29
C LYS A 225 15.00 -2.77 11.33
N GLU A 226 14.64 -3.22 12.52
CA GLU A 226 13.63 -4.27 12.65
C GLU A 226 12.33 -3.86 11.98
N ILE A 227 11.91 -2.60 12.16
CA ILE A 227 10.66 -2.14 11.55
C ILE A 227 10.74 -2.23 10.03
N VAL A 228 11.78 -1.63 9.43
CA VAL A 228 11.88 -1.59 7.98
C VAL A 228 11.97 -3.00 7.41
N ASN A 229 12.73 -3.88 8.07
CA ASN A 229 12.82 -5.25 7.60
C ASN A 229 11.47 -5.95 7.64
N LYS A 230 10.70 -5.77 8.72
CA LYS A 230 9.40 -6.41 8.82
C LYS A 230 8.40 -5.87 7.80
N VAL A 231 8.38 -4.54 7.60
CA VAL A 231 7.42 -3.95 6.68
C VAL A 231 7.61 -4.49 5.27
N PHE A 232 8.86 -4.51 4.80
CA PHE A 232 9.11 -4.99 3.46
C PHE A 232 8.96 -6.51 3.35
N GLN A 233 9.19 -7.25 4.44
CA GLN A 233 8.88 -8.67 4.41
C GLN A 233 7.38 -8.92 4.24
N TRP A 234 6.54 -8.18 4.96
CA TRP A 234 5.11 -8.40 4.85
C TRP A 234 4.55 -7.94 3.51
N SER A 235 5.12 -6.85 2.95
CA SER A 235 4.74 -6.43 1.60
C SER A 235 5.17 -7.45 0.56
N THR A 236 6.35 -8.05 0.72
CA THR A 236 6.80 -9.10 -0.19
C THR A 236 5.90 -10.32 -0.13
N ASN A 237 5.47 -10.70 1.08
CA ASN A 237 4.49 -11.79 1.20
C ASN A 237 3.20 -11.45 0.48
N LEU A 238 2.74 -10.19 0.60
CA LEU A 238 1.51 -9.76 -0.06
C LEU A 238 1.63 -9.88 -1.58
N ILE A 239 2.75 -9.40 -2.13
CA ILE A 239 2.96 -9.46 -3.57
C ILE A 239 3.05 -10.91 -4.03
N GLY A 240 3.70 -11.77 -3.22
CA GLY A 240 3.69 -13.19 -3.50
C GLY A 240 2.30 -13.75 -3.68
N GLU A 241 1.36 -13.36 -2.80
CA GLU A 241 -0.03 -13.79 -2.97
C GLU A 241 -0.62 -13.25 -4.26
N PHE A 242 -0.28 -12.01 -4.63
CA PHE A 242 -0.80 -11.46 -5.87
C PHE A 242 -0.31 -12.27 -7.07
N GLU A 243 0.97 -12.70 -7.02
CA GLU A 243 1.55 -13.49 -8.10
C GLU A 243 0.85 -14.85 -8.21
N ARG A 244 0.69 -15.55 -7.08
CA ARG A 244 -0.01 -16.83 -7.12
C ARG A 244 -1.44 -16.65 -7.61
N TYR A 245 -2.08 -15.53 -7.26
CA TYR A 245 -3.44 -15.28 -7.72
C TYR A 245 -3.50 -15.11 -9.23
N VAL A 246 -2.56 -14.35 -9.80
CA VAL A 246 -2.52 -14.19 -11.26
C VAL A 246 -2.36 -15.54 -11.93
N LYS A 247 -1.41 -16.36 -11.46
CA LYS A 247 -1.17 -17.67 -12.07
C LYS A 247 -2.38 -18.59 -11.95
N ALA A 248 -3.23 -18.38 -10.95
CA ALA A 248 -4.42 -19.21 -10.82
C ALA A 248 -5.59 -18.68 -11.61
N HIS A 249 -5.50 -17.48 -12.19
CA HIS A 249 -6.61 -16.85 -12.88
C HIS A 249 -6.18 -16.31 -14.26
N ARG A 250 -5.30 -17.04 -14.93
CA ARG A 250 -4.79 -16.60 -16.22
C ARG A 250 -5.86 -16.51 -17.28
N SER A 251 -6.95 -17.27 -17.17
CA SER A 251 -8.01 -17.18 -18.16
C SER A 251 -9.03 -16.10 -17.87
N GLU A 252 -8.82 -15.27 -16.85
CA GLU A 252 -9.78 -14.24 -16.48
C GLU A 252 -9.18 -12.86 -16.63
N LYS A 253 -10.06 -11.86 -16.74
CA LYS A 253 -9.61 -10.48 -16.92
C LYS A 253 -10.66 -9.52 -16.39
N ALA A 254 -10.24 -8.28 -16.19
CA ALA A 254 -11.19 -7.21 -15.91
C ALA A 254 -12.18 -7.06 -17.05
N GLN A 255 -13.34 -6.51 -16.74
CA GLN A 255 -14.42 -6.32 -17.72
CA GLN A 255 -14.42 -6.33 -17.71
C GLN A 255 -14.92 -4.90 -17.63
N PRO A 256 -14.13 -3.93 -18.06
CA PRO A 256 -14.56 -2.53 -17.95
C PRO A 256 -15.85 -2.23 -18.68
N THR A 257 -16.15 -2.96 -19.77
CA THR A 257 -17.37 -2.67 -20.52
C THR A 257 -18.63 -3.02 -19.73
N ALA A 258 -18.55 -3.98 -18.81
CA ALA A 258 -19.72 -4.32 -18.00
C ALA A 258 -20.16 -3.17 -17.09
N ALA A 259 -19.34 -2.15 -16.91
CA ALA A 259 -19.70 -1.05 -16.01
C ALA A 259 -20.08 0.23 -16.74
N TYR A 260 -20.18 0.19 -18.06
CA TYR A 260 -20.54 1.38 -18.84
C TYR A 260 -21.93 1.87 -18.46
OXT 67I B . -4.66 2.56 -0.27
C 67I B . -3.67 3.32 -0.40
O 67I B . -3.80 4.56 -0.23
CA 67I B . -2.27 2.84 -0.78
N 67I B . -1.58 4.04 -1.20
CB 67I B . -1.62 2.50 0.54
CG 67I B . -0.56 1.40 0.64
CD2 67I B . -0.48 0.07 0.16
CE3 67I B . -1.33 -0.72 -0.64
CZ3 67I B . -1.00 -2.04 -0.96
BR1 67I B . -2.17 -3.17 -2.03
CH2 67I B . 0.19 -2.59 -0.51
CZ2 67I B . 1.05 -1.82 0.27
BR2 67I B . 2.73 -2.55 0.94
CE2 67I B . 0.70 -0.49 0.60
NE1 67I B . 1.36 0.42 1.32
CD1 67I B . 0.64 1.52 1.35
C1 MLT C . -13.07 8.78 5.04
O1 MLT C . -13.28 9.56 4.07
O2 MLT C . -13.69 7.70 5.10
C2 MLT C . -12.08 9.10 6.12
O3 MLT C . -11.76 7.85 6.67
C3 MLT C . -12.66 9.99 7.24
C4 MLT C . -11.64 10.17 8.36
O4 MLT C . -10.48 10.57 8.10
O5 MLT C . -11.94 9.93 9.56
#